data_7LUZ
# 
_entry.id   7LUZ 
# 
_audit_conform.dict_name       mmcif_pdbx.dic 
_audit_conform.dict_version    5.387 
_audit_conform.dict_location   http://mmcif.pdb.org/dictionaries/ascii/mmcif_pdbx.dic 
# 
loop_
_database_2.database_id 
_database_2.database_code 
_database_2.pdbx_database_accession 
_database_2.pdbx_DOI 
PDB   7LUZ         pdb_00007luz 10.2210/pdb7luz/pdb 
WWPDB D_1000255050 ?            ?                   
# 
loop_
_pdbx_audit_revision_history.ordinal 
_pdbx_audit_revision_history.data_content_type 
_pdbx_audit_revision_history.major_revision 
_pdbx_audit_revision_history.minor_revision 
_pdbx_audit_revision_history.revision_date 
1 'Structure model' 1 0 2021-03-17 
2 'Structure model' 1 1 2021-03-24 
3 'Structure model' 1 2 2024-03-06 
# 
_pdbx_audit_revision_details.ordinal             1 
_pdbx_audit_revision_details.revision_ordinal    1 
_pdbx_audit_revision_details.data_content_type   'Structure model' 
_pdbx_audit_revision_details.provider            repository 
_pdbx_audit_revision_details.type                'Initial release' 
_pdbx_audit_revision_details.description         ? 
_pdbx_audit_revision_details.details             ? 
# 
loop_
_pdbx_audit_revision_group.ordinal 
_pdbx_audit_revision_group.revision_ordinal 
_pdbx_audit_revision_group.data_content_type 
_pdbx_audit_revision_group.group 
1 2 'Structure model' 'Database references' 
2 3 'Structure model' 'Data collection'     
3 3 'Structure model' 'Database references' 
# 
loop_
_pdbx_audit_revision_category.ordinal 
_pdbx_audit_revision_category.revision_ordinal 
_pdbx_audit_revision_category.data_content_type 
_pdbx_audit_revision_category.category 
1 2 'Structure model' citation       
2 3 'Structure model' chem_comp_atom 
3 3 'Structure model' chem_comp_bond 
4 3 'Structure model' citation       
5 3 'Structure model' database_2     
# 
loop_
_pdbx_audit_revision_item.ordinal 
_pdbx_audit_revision_item.revision_ordinal 
_pdbx_audit_revision_item.data_content_type 
_pdbx_audit_revision_item.item 
1 2 'Structure model' '_citation.pdbx_database_id_PubMed'   
2 2 'Structure model' '_citation.title'                     
3 3 'Structure model' '_citation.journal_id_ISSN'           
4 3 'Structure model' '_database_2.pdbx_DOI'                
5 3 'Structure model' '_database_2.pdbx_database_accession' 
# 
_pdbx_database_status.status_code                     REL 
_pdbx_database_status.status_code_sf                  REL 
_pdbx_database_status.status_code_mr                  ? 
_pdbx_database_status.entry_id                        7LUZ 
_pdbx_database_status.recvd_initial_deposition_date   2021-02-23 
_pdbx_database_status.SG_entry                        N 
_pdbx_database_status.deposit_site                    RCSB 
_pdbx_database_status.process_site                    RCSB 
_pdbx_database_status.status_code_cs                  ? 
_pdbx_database_status.status_code_nmr_data            ? 
_pdbx_database_status.methods_development_category    ? 
_pdbx_database_status.pdb_format_compatible           Y 
# 
loop_
_audit_author.name 
_audit_author.pdbx_ordinal 
_audit_author.identifier_ORCID 
'Balbirnie, M.'   1 0000-0003-3497-392X 
'Sawaya, M.R.'    2 0000-0003-0874-9043 
'Eisenberg, D.S.' 3 0000-0003-2432-5419 
'Cascio, D.'      4 0000-0002-3877-6803 
# 
_citation.abstract                  ? 
_citation.abstract_id_CAS           ? 
_citation.book_id_ISBN              ? 
_citation.book_publisher            ? 
_citation.book_publisher_city       ? 
_citation.book_title                ? 
_citation.coordinate_linkage        ? 
_citation.country                   US 
_citation.database_id_Medline       ? 
_citation.details                   ? 
_citation.id                        primary 
_citation.journal_abbrev            Biorxiv 
_citation.journal_id_ASTM           ? 
_citation.journal_id_CSD            ? 
_citation.journal_id_ISSN           2692-8205 
_citation.journal_full              ? 
_citation.journal_issue             ? 
_citation.journal_volume            ? 
_citation.language                  ? 
_citation.page_first                ? 
_citation.page_last                 ? 
_citation.title                     'Inhibition of amyloid formation of the Nucleoprotein of SARS-CoV-2.' 
_citation.year                      2021 
_citation.database_id_CSD           ? 
_citation.pdbx_database_id_DOI      10.1101/2021.03.05.434000 
_citation.pdbx_database_id_PubMed   33688654 
_citation.pdbx_database_id_patent   ? 
_citation.unpublished_flag          ? 
# 
loop_
_citation_author.citation_id 
_citation_author.name 
_citation_author.ordinal 
_citation_author.identifier_ORCID 
primary 'Tayeb-Fligelman, E.' 1  ? 
primary 'Cheng, X.'           2  ? 
primary 'Tai, C.'             3  ? 
primary 'Bowler, J.T.'        4  ? 
primary 'Griner, S.'          5  ? 
primary 'Sawaya, M.R.'        6  ? 
primary 'Seidler, P.M.'       7  ? 
primary 'Jiang, Y.X.'         8  ? 
primary 'Lu, J.'              9  ? 
primary 'Rosenberg, G.M.'     10 ? 
primary 'Salwinski, L.'       11 ? 
primary 'Abskharon, R.'       12 ? 
primary 'Zee, C.T.'           13 ? 
primary 'Hou, K.'             14 ? 
primary 'Li, Y.'              15 ? 
primary 'Boyer, D.R.'         16 ? 
primary 'Murray, K.A.'        17 ? 
primary 'Falcon, G.'          18 ? 
primary 'Anderson, D.H.'      19 ? 
primary 'Cascio, D.'          20 ? 
primary 'Saelices, L.'        21 ? 
primary 'Damoiseaux, R.'      22 ? 
primary 'Guo, F.'             23 ? 
primary 'Eisenberg, D.S.'     24 ? 
# 
loop_
_entity.id 
_entity.type 
_entity.src_method 
_entity.pdbx_description 
_entity.formula_weight 
_entity.pdbx_number_of_molecules 
_entity.pdbx_ec 
_entity.pdbx_mutation 
_entity.pdbx_fragment 
_entity.details 
1 polymer syn 'Nucleoprotein GQTVTK' 633.714 1  ? ? ? ? 
2 water   nat water                  18.015  11 ? ? ? ? 
# 
_entity_name_com.entity_id   1 
_entity_name_com.name        'N,Nucleocapsid protein,NC,Protein N' 
# 
_entity_poly.entity_id                      1 
_entity_poly.type                           'polypeptide(L)' 
_entity_poly.nstd_linkage                   no 
_entity_poly.nstd_monomer                   no 
_entity_poly.pdbx_seq_one_letter_code       GQTVTK 
_entity_poly.pdbx_seq_one_letter_code_can   GQTVTK 
_entity_poly.pdbx_strand_id                 A 
_entity_poly.pdbx_target_identifier         ? 
# 
_pdbx_entity_nonpoly.entity_id   2 
_pdbx_entity_nonpoly.name        water 
_pdbx_entity_nonpoly.comp_id     HOH 
# 
loop_
_entity_poly_seq.entity_id 
_entity_poly_seq.num 
_entity_poly_seq.mon_id 
_entity_poly_seq.hetero 
1 1 GLY n 
1 2 GLN n 
1 3 THR n 
1 4 VAL n 
1 5 THR n 
1 6 LYS n 
# 
_pdbx_entity_src_syn.entity_id              1 
_pdbx_entity_src_syn.pdbx_src_id            1 
_pdbx_entity_src_syn.pdbx_alt_source_flag   sample 
_pdbx_entity_src_syn.pdbx_beg_seq_num       1 
_pdbx_entity_src_syn.pdbx_end_seq_num       6 
_pdbx_entity_src_syn.organism_scientific    'Severe acute respiratory syndrome coronavirus 2' 
_pdbx_entity_src_syn.organism_common_name   '2019-nCoV, SARS-CoV-2' 
_pdbx_entity_src_syn.ncbi_taxonomy_id       2697049 
_pdbx_entity_src_syn.details                ? 
# 
loop_
_chem_comp.id 
_chem_comp.type 
_chem_comp.mon_nstd_flag 
_chem_comp.name 
_chem_comp.pdbx_synonyms 
_chem_comp.formula 
_chem_comp.formula_weight 
GLN 'L-peptide linking' y GLUTAMINE ? 'C5 H10 N2 O3'   146.144 
GLY 'peptide linking'   y GLYCINE   ? 'C2 H5 N O2'     75.067  
HOH non-polymer         . WATER     ? 'H2 O'           18.015  
LYS 'L-peptide linking' y LYSINE    ? 'C6 H15 N2 O2 1' 147.195 
THR 'L-peptide linking' y THREONINE ? 'C4 H9 N O3'     119.119 
VAL 'L-peptide linking' y VALINE    ? 'C5 H11 N O2'    117.146 
# 
loop_
_pdbx_poly_seq_scheme.asym_id 
_pdbx_poly_seq_scheme.entity_id 
_pdbx_poly_seq_scheme.seq_id 
_pdbx_poly_seq_scheme.mon_id 
_pdbx_poly_seq_scheme.ndb_seq_num 
_pdbx_poly_seq_scheme.pdb_seq_num 
_pdbx_poly_seq_scheme.auth_seq_num 
_pdbx_poly_seq_scheme.pdb_mon_id 
_pdbx_poly_seq_scheme.auth_mon_id 
_pdbx_poly_seq_scheme.pdb_strand_id 
_pdbx_poly_seq_scheme.pdb_ins_code 
_pdbx_poly_seq_scheme.hetero 
A 1 1 GLY 1 243 243 GLY GLY A . n 
A 1 2 GLN 2 244 244 GLN GLN A . n 
A 1 3 THR 3 245 245 THR THR A . n 
A 1 4 VAL 4 246 246 VAL VAL A . n 
A 1 5 THR 5 247 247 THR THR A . n 
A 1 6 LYS 6 248 248 LYS LYS A . n 
# 
loop_
_pdbx_nonpoly_scheme.asym_id 
_pdbx_nonpoly_scheme.entity_id 
_pdbx_nonpoly_scheme.mon_id 
_pdbx_nonpoly_scheme.ndb_seq_num 
_pdbx_nonpoly_scheme.pdb_seq_num 
_pdbx_nonpoly_scheme.auth_seq_num 
_pdbx_nonpoly_scheme.pdb_mon_id 
_pdbx_nonpoly_scheme.auth_mon_id 
_pdbx_nonpoly_scheme.pdb_strand_id 
_pdbx_nonpoly_scheme.pdb_ins_code 
B 2 HOH 1  301 251 HOH HOH A . 
B 2 HOH 2  302 253 HOH HOH A . 
B 2 HOH 3  303 259 HOH HOH A . 
B 2 HOH 4  304 254 HOH HOH A . 
B 2 HOH 5  305 252 HOH HOH A . 
B 2 HOH 6  306 257 HOH HOH A . 
B 2 HOH 7  307 261 HOH HOH A . 
B 2 HOH 8  308 256 HOH HOH A . 
B 2 HOH 9  309 255 HOH HOH A . 
B 2 HOH 10 310 258 HOH HOH A . 
B 2 HOH 11 311 260 HOH HOH A . 
# 
loop_
_software.citation_id 
_software.classification 
_software.compiler_name 
_software.compiler_version 
_software.contact_author 
_software.contact_author_email 
_software.date 
_software.description 
_software.dependencies 
_software.hardware 
_software.language 
_software.location 
_software.mods 
_software.name 
_software.os 
_software.os_version 
_software.type 
_software.version 
_software.pdbx_ordinal 
? 'data reduction'  ? ? ? ? ? ? ? ? ? ? ? XDS         ? ? ? 'Jan 31, 2020' 1 
? 'data scaling'    ? ? ? ? ? ? ? ? ? ? ? XSCALE      ? ? ? 'Jan 31, 2020' 2 
? refinement        ? ? ? ? ? ? ? ? ? ? ? REFMAC      ? ? ? 5.8.0267       3 
? 'data extraction' ? ? ? ? ? ? ? ? ? ? ? PDB_EXTRACT ? ? ? 3.27           4 
? phasing           ? ? ? ? ? ? ? ? ? ? ? SHELXD      ? ? ? 2013/2         5 
# 
_cell.angle_alpha                  90.000 
_cell.angle_alpha_esd              ? 
_cell.angle_beta                   93.997 
_cell.angle_beta_esd               ? 
_cell.angle_gamma                  90.000 
_cell.angle_gamma_esd              ? 
_cell.entry_id                     7LUZ 
_cell.details                      ? 
_cell.formula_units_Z              ? 
_cell.length_a                     19.570 
_cell.length_a_esd                 ? 
_cell.length_b                     4.780 
_cell.length_b_esd                 ? 
_cell.length_c                     22.930 
_cell.length_c_esd                 ? 
_cell.volume                       ? 
_cell.volume_esd                   ? 
_cell.Z_PDB                        2 
_cell.reciprocal_angle_alpha       ? 
_cell.reciprocal_angle_beta        ? 
_cell.reciprocal_angle_gamma       ? 
_cell.reciprocal_angle_alpha_esd   ? 
_cell.reciprocal_angle_beta_esd    ? 
_cell.reciprocal_angle_gamma_esd   ? 
_cell.reciprocal_length_a          ? 
_cell.reciprocal_length_b          ? 
_cell.reciprocal_length_c          ? 
_cell.reciprocal_length_a_esd      ? 
_cell.reciprocal_length_b_esd      ? 
_cell.reciprocal_length_c_esd      ? 
_cell.pdbx_unique_axis             ? 
# 
_symmetry.entry_id                         7LUZ 
_symmetry.cell_setting                     ? 
_symmetry.Int_Tables_number                4 
_symmetry.space_group_name_Hall            ? 
_symmetry.space_group_name_H-M             'P 1 21 1' 
_symmetry.pdbx_full_space_group_name_H-M   ? 
# 
_exptl.absorpt_coefficient_mu     ? 
_exptl.absorpt_correction_T_max   ? 
_exptl.absorpt_correction_T_min   ? 
_exptl.absorpt_correction_type    ? 
_exptl.absorpt_process_details    ? 
_exptl.entry_id                   7LUZ 
_exptl.crystals_number            1 
_exptl.details                    ? 
_exptl.method                     'X-RAY DIFFRACTION' 
_exptl.method_details             ? 
# 
_exptl_crystal.colour                      ? 
_exptl_crystal.density_diffrn              ? 
_exptl_crystal.density_Matthews            1.69 
_exptl_crystal.density_method              ? 
_exptl_crystal.density_percent_sol         27.14 
_exptl_crystal.description                 ? 
_exptl_crystal.F_000                       ? 
_exptl_crystal.id                          1 
_exptl_crystal.preparation                 ? 
_exptl_crystal.size_max                    ? 
_exptl_crystal.size_mid                    ? 
_exptl_crystal.size_min                    ? 
_exptl_crystal.size_rad                    ? 
_exptl_crystal.colour_lustre               ? 
_exptl_crystal.colour_modifier             ? 
_exptl_crystal.colour_primary              ? 
_exptl_crystal.density_meas                ? 
_exptl_crystal.density_meas_esd            ? 
_exptl_crystal.density_meas_gt             ? 
_exptl_crystal.density_meas_lt             ? 
_exptl_crystal.density_meas_temp           ? 
_exptl_crystal.density_meas_temp_esd       ? 
_exptl_crystal.density_meas_temp_gt        ? 
_exptl_crystal.density_meas_temp_lt        ? 
_exptl_crystal.pdbx_crystal_image_url      ? 
_exptl_crystal.pdbx_crystal_image_format   ? 
_exptl_crystal.pdbx_mosaicity              ? 
_exptl_crystal.pdbx_mosaicity_esd          ? 
# 
_exptl_crystal_grow.apparatus       ? 
_exptl_crystal_grow.atmosphere      ? 
_exptl_crystal_grow.crystal_id      1 
_exptl_crystal_grow.details         ? 
_exptl_crystal_grow.method          'VAPOR DIFFUSION, HANGING DROP' 
_exptl_crystal_grow.method_ref      ? 
_exptl_crystal_grow.pH              7.5 
_exptl_crystal_grow.pressure        ? 
_exptl_crystal_grow.pressure_esd    ? 
_exptl_crystal_grow.seeding         ? 
_exptl_crystal_grow.seeding_ref     ? 
_exptl_crystal_grow.temp            298 
_exptl_crystal_grow.temp_details    ? 
_exptl_crystal_grow.temp_esd        ? 
_exptl_crystal_grow.time            ? 
_exptl_crystal_grow.pdbx_details    '2M Ammonium Sulfate, HEPES, pH 7.5, PEG 400' 
_exptl_crystal_grow.pdbx_pH_range   ? 
# 
_diffrn.ambient_environment              ? 
_diffrn.ambient_temp                     100 
_diffrn.ambient_temp_details             ? 
_diffrn.ambient_temp_esd                 ? 
_diffrn.crystal_id                       1 
_diffrn.crystal_support                  ? 
_diffrn.crystal_treatment                ? 
_diffrn.details                          ? 
_diffrn.id                               1 
_diffrn.ambient_pressure                 ? 
_diffrn.ambient_pressure_esd             ? 
_diffrn.ambient_pressure_gt              ? 
_diffrn.ambient_pressure_lt              ? 
_diffrn.ambient_temp_gt                  ? 
_diffrn.ambient_temp_lt                  ? 
_diffrn.pdbx_serial_crystal_experiment   N 
# 
_diffrn_detector.details                      ? 
_diffrn_detector.detector                     PIXEL 
_diffrn_detector.diffrn_id                    1 
_diffrn_detector.type                         'DECTRIS EIGER X 16M' 
_diffrn_detector.area_resol_mean              ? 
_diffrn_detector.dtime                        ? 
_diffrn_detector.pdbx_frames_total            ? 
_diffrn_detector.pdbx_collection_time_total   ? 
_diffrn_detector.pdbx_collection_date         2020-06-20 
_diffrn_detector.pdbx_frequency               ? 
# 
_diffrn_radiation.collimation                      ? 
_diffrn_radiation.diffrn_id                        1 
_diffrn_radiation.filter_edge                      ? 
_diffrn_radiation.inhomogeneity                    ? 
_diffrn_radiation.monochromator                    'Si (111)' 
_diffrn_radiation.polarisn_norm                    ? 
_diffrn_radiation.polarisn_ratio                   ? 
_diffrn_radiation.probe                            ? 
_diffrn_radiation.type                             ? 
_diffrn_radiation.xray_symbol                      ? 
_diffrn_radiation.wavelength_id                    1 
_diffrn_radiation.pdbx_monochromatic_or_laue_m_l   M 
_diffrn_radiation.pdbx_wavelength_list             ? 
_diffrn_radiation.pdbx_wavelength                  ? 
_diffrn_radiation.pdbx_diffrn_protocol             'SINGLE WAVELENGTH' 
_diffrn_radiation.pdbx_analyzer                    ? 
_diffrn_radiation.pdbx_scattering_type             x-ray 
# 
_diffrn_radiation_wavelength.id           1 
_diffrn_radiation_wavelength.wavelength   0.9792 
_diffrn_radiation_wavelength.wt           1.0 
# 
_diffrn_source.current                     ? 
_diffrn_source.details                     ? 
_diffrn_source.diffrn_id                   1 
_diffrn_source.power                       ? 
_diffrn_source.size                        ? 
_diffrn_source.source                      SYNCHROTRON 
_diffrn_source.target                      ? 
_diffrn_source.type                        'APS BEAMLINE 24-ID-E' 
_diffrn_source.voltage                     ? 
_diffrn_source.take-off_angle              ? 
_diffrn_source.pdbx_wavelength_list        0.9792 
_diffrn_source.pdbx_wavelength             ? 
_diffrn_source.pdbx_synchrotron_beamline   24-ID-E 
_diffrn_source.pdbx_synchrotron_site       APS 
# 
_reflns.B_iso_Wilson_estimate            11.978 
_reflns.entry_id                         7LUZ 
_reflns.data_reduction_details           ? 
_reflns.data_reduction_method            ? 
_reflns.d_resolution_high                1.100 
_reflns.d_resolution_low                 22.874 
_reflns.details                          ? 
_reflns.limit_h_max                      ? 
_reflns.limit_h_min                      ? 
_reflns.limit_k_max                      ? 
_reflns.limit_k_min                      ? 
_reflns.limit_l_max                      ? 
_reflns.limit_l_min                      ? 
_reflns.number_all                       ? 
_reflns.number_obs                       1726 
_reflns.observed_criterion               ? 
_reflns.observed_criterion_F_max         ? 
_reflns.observed_criterion_F_min         ? 
_reflns.observed_criterion_I_max         ? 
_reflns.observed_criterion_I_min         ? 
_reflns.observed_criterion_sigma_F       ? 
_reflns.observed_criterion_sigma_I       ? 
_reflns.percent_possible_obs             87.100 
_reflns.R_free_details                   ? 
_reflns.Rmerge_F_all                     ? 
_reflns.Rmerge_F_obs                     ? 
_reflns.Friedel_coverage                 ? 
_reflns.number_gt                        ? 
_reflns.threshold_expression             ? 
_reflns.pdbx_redundancy                  2.710 
_reflns.pdbx_Rmerge_I_obs                0.085 
_reflns.pdbx_Rmerge_I_all                ? 
_reflns.pdbx_Rsym_value                  ? 
_reflns.pdbx_netI_over_av_sigmaI         ? 
_reflns.pdbx_netI_over_sigmaI            6.020 
_reflns.pdbx_res_netI_over_av_sigmaI_2   ? 
_reflns.pdbx_res_netI_over_sigmaI_2      ? 
_reflns.pdbx_chi_squared                 0.884 
_reflns.pdbx_scaling_rejects             ? 
_reflns.pdbx_d_res_high_opt              ? 
_reflns.pdbx_d_res_low_opt               ? 
_reflns.pdbx_d_res_opt_method            ? 
_reflns.phase_calculation_details        ? 
_reflns.pdbx_Rrim_I_all                  0.105 
_reflns.pdbx_Rpim_I_all                  ? 
_reflns.pdbx_d_opt                       ? 
_reflns.pdbx_number_measured_all         ? 
_reflns.pdbx_diffrn_id                   1 
_reflns.pdbx_ordinal                     1 
_reflns.pdbx_CC_half                     0.995 
_reflns.pdbx_CC_star                     ? 
_reflns.pdbx_R_split                     ? 
# 
loop_
_reflns_shell.d_res_high 
_reflns_shell.d_res_low 
_reflns_shell.meanI_over_sigI_all 
_reflns_shell.meanI_over_sigI_obs 
_reflns_shell.number_measured_all 
_reflns_shell.number_measured_obs 
_reflns_shell.number_possible 
_reflns_shell.number_unique_all 
_reflns_shell.number_unique_obs 
_reflns_shell.percent_possible_all 
_reflns_shell.percent_possible_obs 
_reflns_shell.Rmerge_F_all 
_reflns_shell.Rmerge_F_obs 
_reflns_shell.Rmerge_I_all 
_reflns_shell.Rmerge_I_obs 
_reflns_shell.meanI_over_sigI_gt 
_reflns_shell.meanI_over_uI_all 
_reflns_shell.meanI_over_uI_gt 
_reflns_shell.number_measured_gt 
_reflns_shell.number_unique_gt 
_reflns_shell.percent_possible_gt 
_reflns_shell.Rmerge_F_gt 
_reflns_shell.Rmerge_I_gt 
_reflns_shell.pdbx_redundancy 
_reflns_shell.pdbx_Rsym_value 
_reflns_shell.pdbx_chi_squared 
_reflns_shell.pdbx_netI_over_sigmaI_all 
_reflns_shell.pdbx_netI_over_sigmaI_obs 
_reflns_shell.pdbx_Rrim_I_all 
_reflns_shell.pdbx_Rpim_I_all 
_reflns_shell.pdbx_rejects 
_reflns_shell.pdbx_ordinal 
_reflns_shell.pdbx_diffrn_id 
_reflns_shell.pdbx_CC_half 
_reflns_shell.pdbx_CC_star 
_reflns_shell.pdbx_R_split 
1.100 1.170  ? 1.370  ? ? ? ? 170 50.900  ? ? ? ? 0.446 ? ? ? ? ? ? ? ? 2.024 ? ? ? ? 0.607 ? ? 1 1 0.843 ? ? 
1.170 1.260  ? 1.950  ? ? ? ? 261 85.300  ? ? ? ? 0.453 ? ? ? ? ? ? ? ? 2.636 ? ? ? ? 0.572 ? ? 2 1 0.822 ? ? 
1.260 1.370  ? 2.940  ? ? ? ? 265 96.400  ? ? ? ? 0.295 ? ? ? ? ? ? ? ? 2.879 ? ? ? ? 0.364 ? ? 3 1 0.924 ? ? 
1.370 1.510  ? 3.580  ? ? ? ? 252 95.100  ? ? ? ? 0.248 ? ? ? ? ? ? ? ? 2.806 ? ? ? ? 0.312 ? ? 4 1 0.915 ? ? 
1.510 1.720  ? 6.240  ? ? ? ? 233 96.300  ? ? ? ? 0.149 ? ? ? ? ? ? ? ? 3.039 ? ? ? ? 0.180 ? ? 5 1 0.983 ? ? 
1.720 2.030  ? 7.970  ? ? ? ? 197 97.000  ? ? ? ? 0.089 ? ? ? ? ? ? ? ? 2.701 ? ? ? ? 0.110 ? ? 6 1 0.989 ? ? 
2.030 2.620  ? 13.290 ? ? ? ? 182 100.000 ? ? ? ? 0.058 ? ? ? ? ? ? ? ? 2.857 ? ? ? ? 0.072 ? ? 7 1 0.997 ? ? 
2.620 22.874 ? 15.210 ? ? ? ? 166 95.400  ? ? ? ? 0.048 ? ? ? ? ? ? ? ? 2.500 ? ? ? ? 0.059 ? ? 8 1 0.993 ? ? 
# 
_refine.aniso_B[1][1]                            0.474 
_refine.aniso_B[1][2]                            0.000 
_refine.aniso_B[1][3]                            -0.704 
_refine.aniso_B[2][2]                            -0.517 
_refine.aniso_B[2][3]                            -0.000 
_refine.aniso_B[3][3]                            0.140 
_refine.B_iso_max                                ? 
_refine.B_iso_mean                               10.078 
_refine.B_iso_min                                ? 
_refine.correlation_coeff_Fo_to_Fc               0.987 
_refine.correlation_coeff_Fo_to_Fc_free          0.984 
_refine.details                                  'Hydrogens have been added in their riding positions' 
_refine.diff_density_max                         ? 
_refine.diff_density_max_esd                     ? 
_refine.diff_density_min                         ? 
_refine.diff_density_min_esd                     ? 
_refine.diff_density_rms                         ? 
_refine.diff_density_rms_esd                     ? 
_refine.entry_id                                 7LUZ 
_refine.pdbx_refine_id                           'X-RAY DIFFRACTION' 
_refine.ls_abs_structure_details                 ? 
_refine.ls_abs_structure_Flack                   ? 
_refine.ls_abs_structure_Flack_esd               ? 
_refine.ls_abs_structure_Rogers                  ? 
_refine.ls_abs_structure_Rogers_esd              ? 
_refine.ls_d_res_high                            1.101 
_refine.ls_d_res_low                             22.874 
_refine.ls_extinction_coef                       ? 
_refine.ls_extinction_coef_esd                   ? 
_refine.ls_extinction_expression                 ? 
_refine.ls_extinction_method                     ? 
_refine.ls_goodness_of_fit_all                   ? 
_refine.ls_goodness_of_fit_all_esd               ? 
_refine.ls_goodness_of_fit_obs                   ? 
_refine.ls_goodness_of_fit_obs_esd               ? 
_refine.ls_hydrogen_treatment                    ? 
_refine.ls_matrix_type                           ? 
_refine.ls_number_constraints                    ? 
_refine.ls_number_parameters                     ? 
_refine.ls_number_reflns_all                     ? 
_refine.ls_number_reflns_obs                     1726 
_refine.ls_number_reflns_R_free                  173 
_refine.ls_number_reflns_R_work                  1553 
_refine.ls_number_restraints                     ? 
_refine.ls_percent_reflns_obs                    87.481 
_refine.ls_percent_reflns_R_free                 10.023 
_refine.ls_R_factor_all                          0.126 
_refine.ls_R_factor_obs                          ? 
_refine.ls_R_factor_R_free                       0.1497 
_refine.ls_R_factor_R_free_error                 ? 
_refine.ls_R_factor_R_free_error_details         ? 
_refine.ls_R_factor_R_work                       0.1237 
_refine.ls_R_Fsqd_factor_obs                     ? 
_refine.ls_R_I_factor_obs                        ? 
_refine.ls_redundancy_reflns_all                 ? 
_refine.ls_redundancy_reflns_obs                 ? 
_refine.ls_restrained_S_all                      ? 
_refine.ls_restrained_S_obs                      ? 
_refine.ls_shift_over_esd_max                    ? 
_refine.ls_shift_over_esd_mean                   ? 
_refine.ls_structure_factor_coef                 ? 
_refine.ls_weighting_details                     ? 
_refine.ls_weighting_scheme                      ? 
_refine.ls_wR_factor_all                         ? 
_refine.ls_wR_factor_obs                         ? 
_refine.ls_wR_factor_R_free                      ? 
_refine.ls_wR_factor_R_work                      ? 
_refine.occupancy_max                            ? 
_refine.occupancy_min                            ? 
_refine.solvent_model_details                    'MASK BULK SOLVENT' 
_refine.solvent_model_param_bsol                 ? 
_refine.solvent_model_param_ksol                 ? 
_refine.pdbx_R_complete                          ? 
_refine.ls_R_factor_gt                           ? 
_refine.ls_goodness_of_fit_gt                    ? 
_refine.ls_goodness_of_fit_ref                   ? 
_refine.ls_shift_over_su_max                     ? 
_refine.ls_shift_over_su_max_lt                  ? 
_refine.ls_shift_over_su_mean                    ? 
_refine.ls_shift_over_su_mean_lt                 ? 
_refine.pdbx_ls_sigma_I                          ? 
_refine.pdbx_ls_sigma_F                          ? 
_refine.pdbx_ls_sigma_Fsqd                       ? 
_refine.pdbx_data_cutoff_high_absF               ? 
_refine.pdbx_data_cutoff_high_rms_absF           ? 
_refine.pdbx_data_cutoff_low_absF                ? 
_refine.pdbx_isotropic_thermal_model             ? 
_refine.pdbx_ls_cross_valid_method               THROUGHOUT 
_refine.pdbx_method_to_determine_struct          'AB INITIO PHASING' 
_refine.pdbx_starting_model                      ? 
_refine.pdbx_stereochemistry_target_values       ? 
_refine.pdbx_R_Free_selection_details            ? 
_refine.pdbx_stereochem_target_val_spec_case     ? 
_refine.pdbx_overall_ESU_R                       0.034 
_refine.pdbx_overall_ESU_R_Free                  0.034 
_refine.pdbx_solvent_vdw_probe_radii             1.200 
_refine.pdbx_solvent_ion_probe_radii             0.800 
_refine.pdbx_solvent_shrinkage_radii             0.800 
_refine.pdbx_real_space_R                        ? 
_refine.pdbx_density_correlation                 ? 
_refine.pdbx_pd_number_of_powder_patterns        ? 
_refine.pdbx_pd_number_of_points                 ? 
_refine.pdbx_pd_meas_number_of_points            ? 
_refine.pdbx_pd_proc_ls_prof_R_factor            ? 
_refine.pdbx_pd_proc_ls_prof_wR_factor           ? 
_refine.pdbx_pd_Marquardt_correlation_coeff      ? 
_refine.pdbx_pd_Fsqrd_R_factor                   ? 
_refine.pdbx_pd_ls_matrix_band_width             ? 
_refine.pdbx_overall_phase_error                 ? 
_refine.pdbx_overall_SU_R_free_Cruickshank_DPI   ? 
_refine.pdbx_overall_SU_R_free_Blow_DPI          ? 
_refine.pdbx_overall_SU_R_Blow_DPI               ? 
_refine.pdbx_TLS_residual_ADP_flag               ? 
_refine.pdbx_diffrn_id                           1 
_refine.overall_SU_B                             1.392 
_refine.overall_SU_ML                            0.026 
_refine.overall_SU_R_Cruickshank_DPI             ? 
_refine.overall_SU_R_free                        ? 
_refine.overall_FOM_free_R_set                   ? 
_refine.overall_FOM_work_R_set                   ? 
_refine.pdbx_average_fsc_overall                 ? 
_refine.pdbx_average_fsc_work                    ? 
_refine.pdbx_average_fsc_free                    ? 
# 
_refine_hist.pdbx_refine_id                   'X-RAY DIFFRACTION' 
_refine_hist.cycle_id                         LAST 
_refine_hist.details                          ? 
_refine_hist.d_res_high                       1.101 
_refine_hist.d_res_low                        22.874 
_refine_hist.number_atoms_solvent             11 
_refine_hist.number_atoms_total               55 
_refine_hist.number_reflns_all                ? 
_refine_hist.number_reflns_obs                ? 
_refine_hist.number_reflns_R_free             ? 
_refine_hist.number_reflns_R_work             ? 
_refine_hist.R_factor_all                     ? 
_refine_hist.R_factor_obs                     ? 
_refine_hist.R_factor_R_free                  ? 
_refine_hist.R_factor_R_work                  ? 
_refine_hist.pdbx_number_residues_total       ? 
_refine_hist.pdbx_B_iso_mean_ligand           ? 
_refine_hist.pdbx_B_iso_mean_solvent          ? 
_refine_hist.pdbx_number_atoms_protein        44 
_refine_hist.pdbx_number_atoms_nucleic_acid   0 
_refine_hist.pdbx_number_atoms_ligand         0 
_refine_hist.pdbx_number_atoms_lipid          ? 
_refine_hist.pdbx_number_atoms_carb           ? 
_refine_hist.pdbx_pseudo_atom_details         ? 
# 
loop_
_refine_ls_restr.pdbx_refine_id 
_refine_ls_restr.criterion 
_refine_ls_restr.dev_ideal 
_refine_ls_restr.dev_ideal_target 
_refine_ls_restr.number 
_refine_ls_restr.rejects 
_refine_ls_restr.type 
_refine_ls_restr.weight 
_refine_ls_restr.pdbx_restraint_function 
'X-RAY DIFFRACTION' ? 0.010  0.013  43  ? r_bond_refined_d               ? ? 
'X-RAY DIFFRACTION' ? 0.001  0.018  47  ? r_bond_other_d                 ? ? 
'X-RAY DIFFRACTION' ? 1.700  1.783  57  ? r_angle_refined_deg            ? ? 
'X-RAY DIFFRACTION' ? 1.229  1.670  108 ? r_angle_other_deg              ? ? 
'X-RAY DIFFRACTION' ? 6.254  5.000  5   ? r_dihedral_angle_1_deg         ? ? 
'X-RAY DIFFRACTION' ? 36.734 30.000 1   ? r_dihedral_angle_2_deg         ? ? 
'X-RAY DIFFRACTION' ? 8.683  15.000 9   ? r_dihedral_angle_3_deg         ? ? 
'X-RAY DIFFRACTION' ? 0.057  0.200  7   ? r_chiral_restr                 ? ? 
'X-RAY DIFFRACTION' ? 0.004  0.020  49  ? r_gen_planes_refined           ? ? 
'X-RAY DIFFRACTION' ? 0.000  0.020  7   ? r_gen_planes_other             ? ? 
'X-RAY DIFFRACTION' ? 0.066  0.200  3   ? r_nbd_refined                  ? ? 
'X-RAY DIFFRACTION' ? 0.158  0.200  22  ? r_symmetry_nbd_other           ? ? 
'X-RAY DIFFRACTION' ? 0.116  0.200  18  ? r_nbtor_refined                ? ? 
'X-RAY DIFFRACTION' ? 0.078  0.200  33  ? r_symmetry_nbtor_other         ? ? 
'X-RAY DIFFRACTION' ? 0.060  0.200  4   ? r_xyhbond_nbd_refined          ? ? 
'X-RAY DIFFRACTION' ? 0.048  0.200  1   ? r_symmetry_nbd_refined         ? ? 
'X-RAY DIFFRACTION' ? 0.200  0.200  14  ? r_nbd_other                    ? ? 
'X-RAY DIFFRACTION' ? 0.104  0.200  5   ? r_symmetry_xyhbond_nbd_refined ? ? 
'X-RAY DIFFRACTION' ? 0.719  0.769  23  ? r_mcbond_it                    ? ? 
'X-RAY DIFFRACTION' ? 0.676  0.755  22  ? r_mcbond_other                 ? ? 
'X-RAY DIFFRACTION' ? 0.836  1.139  27  ? r_mcangle_it                   ? ? 
'X-RAY DIFFRACTION' ? 0.830  1.148  28  ? r_mcangle_other                ? ? 
'X-RAY DIFFRACTION' ? 0.920  0.873  20  ? r_scbond_it                    ? ? 
'X-RAY DIFFRACTION' ? 0.911  0.883  20  ? r_scbond_other                 ? ? 
'X-RAY DIFFRACTION' ? 0.728  1.271  30  ? r_scangle_it                   ? ? 
'X-RAY DIFFRACTION' ? 0.724  1.277  30  ? r_scangle_other                ? ? 
'X-RAY DIFFRACTION' ? 4.085  12.255 38  ? r_lrange_it                    ? ? 
'X-RAY DIFFRACTION' ? 1.018  8.888  36  ? r_lrange_other                 ? ? 
'X-RAY DIFFRACTION' ? 1.020  3.000  90  ? r_rigid_bond_restr             ? ? 
# 
loop_
_refine_ls_shell.pdbx_refine_id 
_refine_ls_shell.d_res_high 
_refine_ls_shell.d_res_low 
_refine_ls_shell.number_reflns_all 
_refine_ls_shell.number_reflns_obs 
_refine_ls_shell.number_reflns_R_free 
_refine_ls_shell.number_reflns_R_work 
_refine_ls_shell.percent_reflns_obs 
_refine_ls_shell.percent_reflns_R_free 
_refine_ls_shell.R_factor_all 
_refine_ls_shell.R_factor_obs 
_refine_ls_shell.R_factor_R_free 
_refine_ls_shell.R_factor_R_free_error 
_refine_ls_shell.R_factor_R_work 
_refine_ls_shell.redundancy_reflns_all 
_refine_ls_shell.redundancy_reflns_obs 
_refine_ls_shell.wR_factor_all 
_refine_ls_shell.wR_factor_obs 
_refine_ls_shell.wR_factor_R_free 
_refine_ls_shell.wR_factor_R_work 
_refine_ls_shell.pdbx_R_complete 
_refine_ls_shell.pdbx_total_number_of_bins_used 
_refine_ls_shell.pdbx_phase_error 
_refine_ls_shell.pdbx_fsc_work 
_refine_ls_shell.pdbx_fsc_free 
'X-RAY DIFFRACTION' 1.101 1.130  142 . 6  53  41.5493  . 0.286 . 0.397 . 0.276 . . . . . 0.267 . 20 . 0.731 0.646 
'X-RAY DIFFRACTION' 1.130 1.161  147 . 9  79  59.8639  . 0.280 . 0.339 . 0.274 . . . . . 0.260 . 20 . 0.820 0.798 
'X-RAY DIFFRACTION' 1.161 1.194  142 . 9  85  66.1972  . 0.257 . 0.275 . 0.255 . . . . . 0.247 . 20 . 0.853 0.781 
'X-RAY DIFFRACTION' 1.194 1.231  122 . 11 101 91.8033  . 0.220 . 0.225 . 0.220 . . . . . 0.204 . 20 . 0.875 0.816 
'X-RAY DIFFRACTION' 1.231 1.271  110 . 11 98  99.0909  . 0.171 . 0.088 . 0.186 . . . . . 0.158 . 20 . 0.915 0.963 
'X-RAY DIFFRACTION' 1.271 1.316  115 . 11 100 96.5217  . 0.203 . 0.229 . 0.200 . . . . . 0.173 . 20 . 0.927 0.937 
'X-RAY DIFFRACTION' 1.316 1.365  118 . 12 100 94.9153  . 0.166 . 0.196 . 0.163 . . . . . 0.147 . 20 . 0.944 0.924 
'X-RAY DIFFRACTION' 1.365 1.421  116 . 10 95  90.5172  . 0.192 . 0.199 . 0.191 . . . . . 0.160 . 20 . 0.927 0.965 
'X-RAY DIFFRACTION' 1.421 1.484  112 . 11 99  98.2143  . 0.148 . 0.190 . 0.144 . . . . . 0.129 . 20 . 0.963 0.922 
'X-RAY DIFFRACTION' 1.484 1.556  119 . 12 105 98.3193  . 0.136 . 0.218 . 0.129 . . . . . 0.118 . 20 . 0.971 0.937 
'X-RAY DIFFRACTION' 1.556 1.640  103 . 10 89  96.1165  . 0.132 . 0.177 . 0.126 . . . . . 0.108 . 20 . 0.976 0.970 
'X-RAY DIFFRACTION' 1.640 1.739  80  . 7  69  95.0000  . 0.128 . 0.172 . 0.125 . . . . . 0.109 . 20 . 0.975 0.943 
'X-RAY DIFFRACTION' 1.739 1.858  88  . 9  78  98.8636  . 0.102 . 0.175 . 0.097 . . . . . 0.086 . 20 . 0.983 0.960 
'X-RAY DIFFRACTION' 1.858 2.006  89  . 8  77  95.5056  . 0.096 . 0.097 . 0.096 . . . . . 0.088 . 20 . 0.989 0.991 
'X-RAY DIFFRACTION' 2.006 2.195  88  . 9  79  100.0000 . 0.086 . 0.160 . 0.081 . . . . . 0.079 . 20 . 0.992 0.975 
'X-RAY DIFFRACTION' 2.195 2.452  83  . 9  74  100.0000 . 0.079 . 0.134 . 0.074 . . . . . 0.075 . 20 . 0.993 0.988 
'X-RAY DIFFRACTION' 2.452 2.826  55  . 5  49  98.1818  . 0.082 . 0.167 . 0.073 . . . . . 0.080 . 20 . 0.996 0.989 
'X-RAY DIFFRACTION' 2.826 3.447  58  . 5  50  94.8276  . 0.071 . 0.052 . 0.073 . . . . . 0.090 . 20 . 0.997 0.997 
'X-RAY DIFFRACTION' 3.447 4.821  57  . 6  48  94.7368  . 0.073 . 0.097 . 0.070 . . . . . 0.079 . 20 . 0.996 0.995 
'X-RAY DIFFRACTION' 4.821 22.874 29  . 3  25  96.5517  . 0.263 . 0.121 . 0.276 . . . . . 0.339 . 20 . 0.961 0.995 
# 
_struct.entry_id                     7LUZ 
_struct.title                        'GQTVTK segment from the Nucleoprotein of SARS-CoV-2, residues 243-248' 
_struct.pdbx_model_details           'Amyloid Fibril' 
_struct.pdbx_formula_weight          ? 
_struct.pdbx_formula_weight_method   ? 
_struct.pdbx_model_type_details      ? 
_struct.pdbx_CASP_flag               N 
# 
_struct_keywords.entry_id        7LUZ 
_struct_keywords.text            'amyloid fibril, PROTEIN FIBRIL' 
_struct_keywords.pdbx_keywords   'PROTEIN FIBRIL' 
# 
loop_
_struct_asym.id 
_struct_asym.pdbx_blank_PDB_chainid_flag 
_struct_asym.pdbx_modified 
_struct_asym.entity_id 
_struct_asym.details 
A N N 1 ? 
B N N 2 ? 
# 
_struct_ref.id                         1 
_struct_ref.db_name                    UNP 
_struct_ref.db_code                    NCAP_SARS2 
_struct_ref.pdbx_db_accession          P0DTC9 
_struct_ref.pdbx_db_isoform            ? 
_struct_ref.entity_id                  1 
_struct_ref.pdbx_seq_one_letter_code   GQTVTK 
_struct_ref.pdbx_align_begin           243 
# 
_struct_ref_seq.align_id                      1 
_struct_ref_seq.ref_id                        1 
_struct_ref_seq.pdbx_PDB_id_code              7LUZ 
_struct_ref_seq.pdbx_strand_id                A 
_struct_ref_seq.seq_align_beg                 1 
_struct_ref_seq.pdbx_seq_align_beg_ins_code   ? 
_struct_ref_seq.seq_align_end                 6 
_struct_ref_seq.pdbx_seq_align_end_ins_code   ? 
_struct_ref_seq.pdbx_db_accession             P0DTC9 
_struct_ref_seq.db_align_beg                  243 
_struct_ref_seq.pdbx_db_align_beg_ins_code    ? 
_struct_ref_seq.db_align_end                  248 
_struct_ref_seq.pdbx_db_align_end_ins_code    ? 
_struct_ref_seq.pdbx_auth_seq_align_beg       243 
_struct_ref_seq.pdbx_auth_seq_align_end       248 
# 
_pdbx_struct_assembly.id                   1 
_pdbx_struct_assembly.details              author_defined_assembly 
_pdbx_struct_assembly.method_details       ? 
_pdbx_struct_assembly.oligomeric_details   octadecameric 
_pdbx_struct_assembly.oligomeric_count     18 
# 
loop_
_pdbx_struct_assembly_gen.assembly_id 
_pdbx_struct_assembly_gen.oper_expression 
_pdbx_struct_assembly_gen.asym_id_list 
1 1  A,B 
1 2  A,B 
1 3  A,B 
1 4  A,B 
1 5  A,B 
1 6  A,B 
1 7  A,B 
1 8  A,B 
1 9  A,B 
1 10 A,B 
1 11 A,B 
1 12 A,B 
1 13 A,B 
1 14 A,B 
1 15 A,B 
1 16 A,B 
1 17 A,B 
1 18 A,B 
# 
_pdbx_struct_assembly_auth_evidence.id                     1 
_pdbx_struct_assembly_auth_evidence.assembly_id            1 
_pdbx_struct_assembly_auth_evidence.experimental_support   none 
_pdbx_struct_assembly_auth_evidence.details                ? 
# 
loop_
_pdbx_struct_oper_list.id 
_pdbx_struct_oper_list.type 
_pdbx_struct_oper_list.name 
_pdbx_struct_oper_list.symmetry_operation 
_pdbx_struct_oper_list.matrix[1][1] 
_pdbx_struct_oper_list.matrix[1][2] 
_pdbx_struct_oper_list.matrix[1][3] 
_pdbx_struct_oper_list.vector[1] 
_pdbx_struct_oper_list.matrix[2][1] 
_pdbx_struct_oper_list.matrix[2][2] 
_pdbx_struct_oper_list.matrix[2][3] 
_pdbx_struct_oper_list.vector[2] 
_pdbx_struct_oper_list.matrix[3][1] 
_pdbx_struct_oper_list.matrix[3][2] 
_pdbx_struct_oper_list.matrix[3][3] 
_pdbx_struct_oper_list.vector[3] 
1  'identity operation'         1_555 x,y,z           1.0000000000 0.0000000000  0.0000000000  0.0000000000   0.0000000000  1.0000000000  0.0000000000 0.0000000000   0.0000000000  0.0000000000 1.0000000000  0.0000000000   
2  'crystal symmetry operation' 1_545 x,y-1,z         1.0000000000 0.0000000000  0.0000000000  -3.4794097607  0.0000000000  1.0000000000  0.0000000000 1.3937319508   0.0000000000  0.0000000000 1.0000000000  2.9664151710   
3  'crystal symmetry operation' 1_565 x,y+1,z         1.0000000000 0.0000000000  0.0000000000  3.4794097607   0.0000000000  1.0000000000  0.0000000000 -1.3937319508  0.0000000000  0.0000000000 1.0000000000  -2.9664151710  
4  'crystal symmetry operation' 1_535 x,y-2,z         1.0000000000 0.0000000000  0.0000000000  -6.9588195214  0.0000000000  1.0000000000  0.0000000000 2.7874639017   0.0000000000  0.0000000000 1.0000000000  5.9328303419   
5  'crystal symmetry operation' 1_575 x,y+2,z         1.0000000000 0.0000000000  0.0000000000  6.9588195214   0.0000000000  1.0000000000  0.0000000000 -2.7874639017  0.0000000000  0.0000000000 1.0000000000  -5.9328303419  
6  'crystal symmetry operation' 1_525 x,y-3,z         1.0000000000 0.0000000000  0.0000000000  -10.4382292821 0.0000000000  1.0000000000  0.0000000000 4.1811958525   0.0000000000  0.0000000000 1.0000000000  8.8992455129   
7  'crystal symmetry operation' 1_585 x,y+3,z         1.0000000000 0.0000000000  0.0000000000  10.4382292821  0.0000000000  1.0000000000  0.0000000000 -4.1811958525  0.0000000000  0.0000000000 1.0000000000  -8.8992455129  
8  'crystal symmetry operation' 1_515 x,y-4,z         1.0000000000 0.0000000000  0.0000000000  -13.9176390428 0.0000000000  1.0000000000  0.0000000000 5.5749278033   0.0000000000  0.0000000000 1.0000000000  11.8656606838  
9  'crystal symmetry operation' 1_595 x,y+4,z         1.0000000000 0.0000000000  0.0000000000  13.9176390428  0.0000000000  1.0000000000  0.0000000000 -5.5749278033  0.0000000000  0.0000000000 1.0000000000  -11.8656606838 
10 'crystal symmetry operation' 2_656 -x+1,y+1/2,-z+1 0.0597059123 -0.4244817627 -0.9034657919 1.5479216073   -0.4244817627 -0.8299671968 0.3618973410 -8.0351653263  -0.9034657919 0.3618973410 -0.2297387155 1.7396486659   
11 'crystal symmetry operation' 2_646 -x+1,y-1/2,-z+1 0.0597059123 -0.4244817627 -0.9034657919 -1.9314881534  -0.4244817627 -0.8299671968 0.3618973410 -6.6414333755  -0.9034657919 0.3618973410 -0.2297387155 4.7060638369   
12 'crystal symmetry operation' 2_666 -x+1,y+3/2,-z+1 0.0597059123 -0.4244817627 -0.9034657919 5.0273313680   -0.4244817627 -0.8299671968 0.3618973410 -9.4288972772  -0.9034657919 0.3618973410 -0.2297387155 -1.2267665050  
13 'crystal symmetry operation' 2_636 -x+1,y-3/2,-z+1 0.0597059123 -0.4244817627 -0.9034657919 -5.4108979141  -0.4244817627 -0.8299671968 0.3618973410 -5.2477014247  -0.9034657919 0.3618973410 -0.2297387155 7.6724790078   
14 'crystal symmetry operation' 2_676 -x+1,y+5/2,-z+1 0.0597059123 -0.4244817627 -0.9034657919 8.5067411287   -0.4244817627 -0.8299671968 0.3618973410 -10.8226292280 -0.9034657919 0.3618973410 -0.2297387155 -4.1931816760  
15 'crystal symmetry operation' 2_626 -x+1,y-5/2,-z+1 0.0597059123 -0.4244817627 -0.9034657919 -8.8903076747  -0.4244817627 -0.8299671968 0.3618973410 -3.8539694738  -0.9034657919 0.3618973410 -0.2297387155 10.6388941788  
16 'crystal symmetry operation' 2_686 -x+1,y+7/2,-z+1 0.0597059123 -0.4244817627 -0.9034657919 11.9861508894  -0.4244817627 -0.8299671968 0.3618973410 -12.2163611788 -0.9034657919 0.3618973410 -0.2297387155 -7.1595968469  
17 'crystal symmetry operation' 2_616 -x+1,y-7/2,-z+1 0.0597059123 -0.4244817627 -0.9034657919 -12.3697174354 -0.4244817627 -0.8299671968 0.3618973410 -2.4602375230  -0.9034657919 0.3618973410 -0.2297387155 13.6053093498  
18 'crystal symmetry operation' 2_606 -x+1,y-9/2,-z+1 0.0597059123 -0.4244817627 -0.9034657919 -15.8491271961 -0.4244817627 -0.8299671968 0.3618973410 -1.0665055722  -0.9034657919 0.3618973410 -0.2297387155 16.5717245207 
# 
loop_
_chem_comp_atom.comp_id 
_chem_comp_atom.atom_id 
_chem_comp_atom.type_symbol 
_chem_comp_atom.pdbx_aromatic_flag 
_chem_comp_atom.pdbx_stereo_config 
_chem_comp_atom.pdbx_ordinal 
GLN N    N N N 1  
GLN CA   C N S 2  
GLN C    C N N 3  
GLN O    O N N 4  
GLN CB   C N N 5  
GLN CG   C N N 6  
GLN CD   C N N 7  
GLN OE1  O N N 8  
GLN NE2  N N N 9  
GLN OXT  O N N 10 
GLN H    H N N 11 
GLN H2   H N N 12 
GLN HA   H N N 13 
GLN HB2  H N N 14 
GLN HB3  H N N 15 
GLN HG2  H N N 16 
GLN HG3  H N N 17 
GLN HE21 H N N 18 
GLN HE22 H N N 19 
GLN HXT  H N N 20 
GLY N    N N N 21 
GLY CA   C N N 22 
GLY C    C N N 23 
GLY O    O N N 24 
GLY OXT  O N N 25 
GLY H    H N N 26 
GLY H2   H N N 27 
GLY HA2  H N N 28 
GLY HA3  H N N 29 
GLY HXT  H N N 30 
HOH O    O N N 31 
HOH H1   H N N 32 
HOH H2   H N N 33 
LYS N    N N N 34 
LYS CA   C N S 35 
LYS C    C N N 36 
LYS O    O N N 37 
LYS CB   C N N 38 
LYS CG   C N N 39 
LYS CD   C N N 40 
LYS CE   C N N 41 
LYS NZ   N N N 42 
LYS OXT  O N N 43 
LYS H    H N N 44 
LYS H2   H N N 45 
LYS HA   H N N 46 
LYS HB2  H N N 47 
LYS HB3  H N N 48 
LYS HG2  H N N 49 
LYS HG3  H N N 50 
LYS HD2  H N N 51 
LYS HD3  H N N 52 
LYS HE2  H N N 53 
LYS HE3  H N N 54 
LYS HZ1  H N N 55 
LYS HZ2  H N N 56 
LYS HZ3  H N N 57 
LYS HXT  H N N 58 
THR N    N N N 59 
THR CA   C N S 60 
THR C    C N N 61 
THR O    O N N 62 
THR CB   C N R 63 
THR OG1  O N N 64 
THR CG2  C N N 65 
THR OXT  O N N 66 
THR H    H N N 67 
THR H2   H N N 68 
THR HA   H N N 69 
THR HB   H N N 70 
THR HG1  H N N 71 
THR HG21 H N N 72 
THR HG22 H N N 73 
THR HG23 H N N 74 
THR HXT  H N N 75 
VAL N    N N N 76 
VAL CA   C N S 77 
VAL C    C N N 78 
VAL O    O N N 79 
VAL CB   C N N 80 
VAL CG1  C N N 81 
VAL CG2  C N N 82 
VAL OXT  O N N 83 
VAL H    H N N 84 
VAL H2   H N N 85 
VAL HA   H N N 86 
VAL HB   H N N 87 
VAL HG11 H N N 88 
VAL HG12 H N N 89 
VAL HG13 H N N 90 
VAL HG21 H N N 91 
VAL HG22 H N N 92 
VAL HG23 H N N 93 
VAL HXT  H N N 94 
# 
loop_
_chem_comp_bond.comp_id 
_chem_comp_bond.atom_id_1 
_chem_comp_bond.atom_id_2 
_chem_comp_bond.value_order 
_chem_comp_bond.pdbx_aromatic_flag 
_chem_comp_bond.pdbx_stereo_config 
_chem_comp_bond.pdbx_ordinal 
GLN N   CA   sing N N 1  
GLN N   H    sing N N 2  
GLN N   H2   sing N N 3  
GLN CA  C    sing N N 4  
GLN CA  CB   sing N N 5  
GLN CA  HA   sing N N 6  
GLN C   O    doub N N 7  
GLN C   OXT  sing N N 8  
GLN CB  CG   sing N N 9  
GLN CB  HB2  sing N N 10 
GLN CB  HB3  sing N N 11 
GLN CG  CD   sing N N 12 
GLN CG  HG2  sing N N 13 
GLN CG  HG3  sing N N 14 
GLN CD  OE1  doub N N 15 
GLN CD  NE2  sing N N 16 
GLN NE2 HE21 sing N N 17 
GLN NE2 HE22 sing N N 18 
GLN OXT HXT  sing N N 19 
GLY N   CA   sing N N 20 
GLY N   H    sing N N 21 
GLY N   H2   sing N N 22 
GLY CA  C    sing N N 23 
GLY CA  HA2  sing N N 24 
GLY CA  HA3  sing N N 25 
GLY C   O    doub N N 26 
GLY C   OXT  sing N N 27 
GLY OXT HXT  sing N N 28 
HOH O   H1   sing N N 29 
HOH O   H2   sing N N 30 
LYS N   CA   sing N N 31 
LYS N   H    sing N N 32 
LYS N   H2   sing N N 33 
LYS CA  C    sing N N 34 
LYS CA  CB   sing N N 35 
LYS CA  HA   sing N N 36 
LYS C   O    doub N N 37 
LYS C   OXT  sing N N 38 
LYS CB  CG   sing N N 39 
LYS CB  HB2  sing N N 40 
LYS CB  HB3  sing N N 41 
LYS CG  CD   sing N N 42 
LYS CG  HG2  sing N N 43 
LYS CG  HG3  sing N N 44 
LYS CD  CE   sing N N 45 
LYS CD  HD2  sing N N 46 
LYS CD  HD3  sing N N 47 
LYS CE  NZ   sing N N 48 
LYS CE  HE2  sing N N 49 
LYS CE  HE3  sing N N 50 
LYS NZ  HZ1  sing N N 51 
LYS NZ  HZ2  sing N N 52 
LYS NZ  HZ3  sing N N 53 
LYS OXT HXT  sing N N 54 
THR N   CA   sing N N 55 
THR N   H    sing N N 56 
THR N   H2   sing N N 57 
THR CA  C    sing N N 58 
THR CA  CB   sing N N 59 
THR CA  HA   sing N N 60 
THR C   O    doub N N 61 
THR C   OXT  sing N N 62 
THR CB  OG1  sing N N 63 
THR CB  CG2  sing N N 64 
THR CB  HB   sing N N 65 
THR OG1 HG1  sing N N 66 
THR CG2 HG21 sing N N 67 
THR CG2 HG22 sing N N 68 
THR CG2 HG23 sing N N 69 
THR OXT HXT  sing N N 70 
VAL N   CA   sing N N 71 
VAL N   H    sing N N 72 
VAL N   H2   sing N N 73 
VAL CA  C    sing N N 74 
VAL CA  CB   sing N N 75 
VAL CA  HA   sing N N 76 
VAL C   O    doub N N 77 
VAL C   OXT  sing N N 78 
VAL CB  CG1  sing N N 79 
VAL CB  CG2  sing N N 80 
VAL CB  HB   sing N N 81 
VAL CG1 HG11 sing N N 82 
VAL CG1 HG12 sing N N 83 
VAL CG1 HG13 sing N N 84 
VAL CG2 HG21 sing N N 85 
VAL CG2 HG22 sing N N 86 
VAL CG2 HG23 sing N N 87 
VAL OXT HXT  sing N N 88 
# 
loop_
_pdbx_audit_support.funding_organization 
_pdbx_audit_support.country 
_pdbx_audit_support.grant_number 
_pdbx_audit_support.ordinal 
'Department of Energy (DOE, United States)'                           'United States' DE-FC02-02ER63421 1 
'National Science Foundation (NSF, United States)'                    'United States' 'MCB 1616265'     2 
'National Institutes of Health/National Institute on Aging (NIH/NIA)' 'United States' 'R01 AG048120'    3 
# 
_atom_sites.entry_id                    7LUZ 
_atom_sites.Cartn_transf_matrix[1][1]   ? 
_atom_sites.Cartn_transf_matrix[1][2]   ? 
_atom_sites.Cartn_transf_matrix[1][3]   ? 
_atom_sites.Cartn_transf_matrix[2][1]   ? 
_atom_sites.Cartn_transf_matrix[2][2]   ? 
_atom_sites.Cartn_transf_matrix[2][3]   ? 
_atom_sites.Cartn_transf_matrix[3][1]   ? 
_atom_sites.Cartn_transf_matrix[3][2]   ? 
_atom_sites.Cartn_transf_matrix[3][3]   ? 
_atom_sites.Cartn_transf_vector[1]      ? 
_atom_sites.Cartn_transf_vector[2]      ? 
_atom_sites.Cartn_transf_vector[3]      ? 
_atom_sites.fract_transf_matrix[1][1]   0.01557435 
_atom_sites.fract_transf_matrix[1][2]   -0.03452341 
_atom_sites.fract_transf_matrix[1][3]   0.03448806 
_atom_sites.fract_transf_matrix[2][1]   0.15228241 
_atom_sites.fract_transf_matrix[2][2]   -0.06099910 
_atom_sites.fract_transf_matrix[2][3]   -0.12983031 
_atom_sites.fract_transf_matrix[3][1]   0.02772843 
_atom_sites.fract_transf_matrix[3][2]   0.02754853 
_atom_sites.fract_transf_matrix[3][3]   0.01958030 
_atom_sites.fract_transf_vector[1]      0.319245 
_atom_sites.fract_transf_vector[2]      0.256485 
_atom_sites.fract_transf_vector[3]      0.572183 
_atom_sites.solution_primary            ? 
_atom_sites.solution_secondary          ? 
_atom_sites.solution_hydrogens          ? 
_atom_sites.special_details             ? 
# 
loop_
_atom_type.symbol 
_atom_type.scat_Cromer_Mann_a1 
_atom_type.scat_Cromer_Mann_b1 
_atom_type.scat_Cromer_Mann_a2 
_atom_type.scat_Cromer_Mann_b2 
_atom_type.scat_Cromer_Mann_a3 
_atom_type.scat_Cromer_Mann_b3 
_atom_type.scat_Cromer_Mann_a4 
_atom_type.scat_Cromer_Mann_b4 
C 2.310  20.844 1.020 10.208 1.589 0.569  0.865 51.651 
H 0.493  10.511 0.323 26.126 0.140 3.142  0.041 57.800 
N 12.222 0.006  3.135 9.893  2.014 28.997 1.167 0.583  
O 3.049  13.277 2.287 5.701  1.546 0.324  0.867 32.909 
# 
loop_
_atom_site.group_PDB 
_atom_site.id 
_atom_site.type_symbol 
_atom_site.label_atom_id 
_atom_site.label_alt_id 
_atom_site.label_comp_id 
_atom_site.label_asym_id 
_atom_site.label_entity_id 
_atom_site.label_seq_id 
_atom_site.pdbx_PDB_ins_code 
_atom_site.Cartn_x 
_atom_site.Cartn_y 
_atom_site.Cartn_z 
_atom_site.occupancy 
_atom_site.B_iso_or_equiv 
_atom_site.pdbx_formal_charge 
_atom_site.auth_seq_id 
_atom_site.auth_comp_id 
_atom_site.auth_asym_id 
_atom_site.auth_atom_id 
_atom_site.pdbx_PDB_model_num 
_atom_site.calc_flag 
ATOM   1   N N    . GLY A 1 1 ? -5.669 -3.300 -6.610 1.000 11.286 0 243 GLY A N    1 ? 
ATOM   2   C CA   . GLY A 1 1 ? -5.740 -2.294 -5.539 1.000 8.965  0 243 GLY A CA   1 ? 
ATOM   3   C C    . GLY A 1 1 ? -4.465 -1.480 -5.465 1.000 7.825  0 243 GLY A C    1 ? 
ATOM   4   O O    . GLY A 1 1 ? -3.546 -1.707 -6.257 1.000 8.784  0 243 GLY A O    1 ? 
ATOM   5   H H1   . GLY A 1 1 ? -4.983 -3.876 -6.441 1.000 11.127 0 243 GLY A H1   1 c 
ATOM   6   H H2   . GLY A 1 1 ? -5.518 -2.861 -7.451 1.000 10.915 0 243 GLY A H2   1 c 
ATOM   7   H H3   . GLY A 1 1 ? -6.495 -3.788 -6.647 1.000 10.976 0 243 GLY A H3   1 c 
ATOM   8   H HA2  . GLY A 1 1 ? -6.507 -1.692 -5.709 1.000 8.785  0 243 GLY A HA2  1 c 
ATOM   9   H HA3  . GLY A 1 1 ? -5.889 -2.753 -4.674 1.000 9.054  0 243 GLY A HA3  1 c 
ATOM   10  N N    . GLN A 1 2 ? -4.434 -0.555 -4.527 1.000 7.232  0 244 GLN A N    1 ? 
ATOM   11  C CA   . GLN A 1 2 ? -3.269 0.313  -4.236 1.000 7.039  0 244 GLN A CA   1 ? 
ATOM   12  C C    . GLN A 1 2 ? -2.933 0.154  -2.759 1.000 6.353  0 244 GLN A C    1 ? 
ATOM   13  O O    . GLN A 1 2 ? -3.845 0.289  -1.915 1.000 7.310  0 244 GLN A O    1 ? 
ATOM   14  C CB   . GLN A 1 2 ? -3.574 1.771  -4.555 1.000 7.145  0 244 GLN A CB   1 ? 
ATOM   15  C CG   . GLN A 1 2 ? -3.809 2.015  -6.033 1.000 7.503  0 244 GLN A CG   1 ? 
ATOM   16  C CD   . GLN A 1 2 ? -4.387 3.375  -6.328 1.000 7.464  0 244 GLN A CD   1 ? 
ATOM   17  O OE1  . GLN A 1 2 ? -5.207 3.904  -5.571 1.000 9.939  0 244 GLN A OE1  1 ? 
ATOM   18  N NE2  . GLN A 1 2 ? -3.948 3.952  -7.436 1.000 7.369  0 244 GLN A NE2  1 ? 
ATOM   19  H H    . GLN A 1 2 ? -5.149 -0.390 -3.987 1.000 7.183  0 244 GLN A H    1 c 
ATOM   20  H HA   . GLN A 1 2 ? -2.505 0.017  -4.777 1.000 7.074  0 244 GLN A HA   1 c 
ATOM   21  H HB2  . GLN A 1 2 ? -4.371 2.041  -4.052 1.000 7.115  0 244 GLN A HB2  1 c 
ATOM   22  H HB3  . GLN A 1 2 ? -2.825 2.323  -4.252 1.000 7.142  0 244 GLN A HB3  1 c 
ATOM   23  H HG2  . GLN A 1 2 ? -2.958 1.919  -6.507 1.000 7.590  0 244 GLN A HG2  1 c 
ATOM   24  H HG3  . GLN A 1 2 ? -4.419 1.329  -6.379 1.000 7.382  0 244 GLN A HG3  1 c 
ATOM   25  H HE21 . GLN A 1 2 ? -4.299 4.718  -7.704 1.000 7.302  0 244 GLN A HE21 1 c 
ATOM   26  H HE22 . GLN A 1 2 ? -3.305 3.574  -7.911 1.000 7.170  0 244 GLN A HE22 1 c 
ATOM   27  N N    . THR A 1 3 ? -1.683 -0.169 -2.466 1.000 6.907  0 245 THR A N    1 ? 
ATOM   28  C CA   . THR A 1 3 ? -1.248 -0.464 -1.093 1.000 7.109  0 245 THR A CA   1 ? 
ATOM   29  C C    . THR A 1 3 ? 0.112  0.173  -0.852 1.000 7.397  0 245 THR A C    1 ? 
ATOM   30  O O    . THR A 1 3 ? 1.023  -0.037 -1.681 1.000 6.600  0 245 THR A O    1 ? 
ATOM   31  C CB   . THR A 1 3 ? -1.176 -1.976 -0.865 1.000 7.483  0 245 THR A CB   1 ? 
ATOM   32  O OG1  . THR A 1 3 ? -2.415 -2.604 -1.220 1.000 7.745  0 245 THR A OG1  1 ? 
ATOM   33  C CG2  . THR A 1 3 ? -0.807 -2.300 0.565  1.000 8.633  0 245 THR A CG2  1 ? 
ATOM   34  H H    . THR A 1 3 ? -1.012 -0.235 -3.080 1.000 6.725  0 245 THR A H    1 c 
ATOM   35  H HA   . THR A 1 3 ? -1.900 -0.077 -0.468 1.000 7.183  0 245 THR A HA   1 c 
ATOM   36  H HB   . THR A 1 3 ? -0.469 -2.333 -1.454 1.000 7.435  0 245 THR A HB   1 c 
ATOM   37  H HG21 . THR A 1 3 ? 0.162  -2.307 0.660  1.000 8.455  0 245 THR A HG21 1 c 
ATOM   38  H HG22 . THR A 1 3 ? -1.161 -3.176 0.803  1.000 8.204  0 245 THR A HG22 1 c 
ATOM   39  H HG23 . THR A 1 3 ? -1.185 -1.627 1.161  1.000 8.698  0 245 THR A HG23 1 c 
ATOM   40  N N    . VAL A 1 4 ? 0.241  0.865  0.268  1.000 7.221  0 246 VAL A N    1 ? 
ATOM   41  C CA   . VAL A 1 4 ? 1.551  1.335  0.776  1.000 7.128  0 246 VAL A CA   1 ? 
ATOM   42  C C    . VAL A 1 4 ? 1.674  0.829  2.210  1.000 6.925  0 246 VAL A C    1 ? 
ATOM   43  O O    . VAL A 1 4 ? 0.756  1.060  2.994  1.000 7.091  0 246 VAL A O    1 ? 
ATOM   44  C CB   . VAL A 1 4 ? 1.693  2.865  0.700  1.000 9.293  0 246 VAL A CB   1 ? 
ATOM   45  C CG1  . VAL A 1 4 ? 3.002  3.314  1.322  1.000 11.147 0 246 VAL A CG1  1 ? 
ATOM   46  C CG2  . VAL A 1 4 ? 1.563  3.397  -0.719 1.000 9.591  0 246 VAL A CG2  1 ? 
ATOM   47  H H    . VAL A 1 4 ? -0.466 1.099  0.794  1.000 7.167  0 246 VAL A H    1 c 
ATOM   48  H HA   . VAL A 1 4 ? 2.254  0.932  0.241  1.000 7.098  0 246 VAL A HA   1 c 
ATOM   49  H HB   . VAL A 1 4 ? 0.957  3.256  1.235  1.000 9.316  0 246 VAL A HB   1 c 
ATOM   50  H HG11 . VAL A 1 4 ? 2.893  3.396  2.286  1.000 10.790 0 246 VAL A HG11 1 c 
ATOM   51  H HG12 . VAL A 1 4 ? 3.261  4.176  0.953  1.000 10.885 0 246 VAL A HG12 1 c 
ATOM   52  H HG13 . VAL A 1 4 ? 3.694  2.659  1.129  1.000 10.792 0 246 VAL A HG13 1 c 
ATOM   53  H HG21 . VAL A 1 4 ? 2.205  2.947  -1.295 1.000 9.499  0 246 VAL A HG21 1 c 
ATOM   54  H HG22 . VAL A 1 4 ? 1.739  4.354  -0.725 1.000 9.482  0 246 VAL A HG22 1 c 
ATOM   55  H HG23 . VAL A 1 4 ? 0.662  3.231  -1.048 1.000 9.605  0 246 VAL A HG23 1 c 
ATOM   56  N N    . THR A 1 5 ? 2.781  0.163  2.528  1.000 7.359  0 247 THR A N    1 ? 
ATOM   57  C CA   . THR A 1 5 ? 3.055  -0.281 3.912  1.000 6.996  0 247 THR A CA   1 ? 
ATOM   58  C C    . THR A 1 5 ? 4.413  0.265  4.339  1.000 7.794  0 247 THR A C    1 ? 
ATOM   59  O O    . THR A 1 5 ? 5.388  0.197  3.562  1.000 8.324  0 247 THR A O    1 ? 
ATOM   60  C CB   . THR A 1 5 ? 2.932  -1.796 4.080  1.000 7.393  0 247 THR A CB   1 ? 
ATOM   61  O OG1  . THR A 1 5 ? 4.033  -2.452 3.443  1.000 7.622  0 247 THR A OG1  1 ? 
ATOM   62  C CG2  . THR A 1 5 ? 1.637  -2.308 3.491  1.000 8.072  0 247 THR A CG2  1 ? 
ATOM   63  H H    . THR A 1 5 ? 3.435  -0.066 1.937  1.000 7.329  0 247 THR A H    1 c 
ATOM   64  H HA   . THR A 1 5 ? 2.375  0.133  4.489  1.000 7.113  0 247 THR A HA   1 c 
ATOM   65  H HB   . THR A 1 5 ? 2.949  -2.004 5.044  1.000 7.219  0 247 THR A HB   1 c 
ATOM   66  H HG21 . THR A 1 5 ? 0.898  -1.749 3.793  1.000 7.965  0 247 THR A HG21 1 c 
ATOM   67  H HG22 . THR A 1 5 ? 1.488  -3.225 3.782  1.000 7.883  0 247 THR A HG22 1 c 
ATOM   68  H HG23 . THR A 1 5 ? 1.687  -2.282 2.519  1.000 8.059  0 247 THR A HG23 1 c 
ATOM   69  N N    . LYS A 1 6 ? 4.453  0.769  5.567  1.000 7.706  0 248 LYS A N    1 ? 
ATOM   70  C CA   . LYS A 1 6 ? 5.651  1.391  6.179  1.000 8.988  0 248 LYS A CA   1 ? 
ATOM   71  C C    . LYS A 1 6 ? 5.789  0.973  7.641  1.000 9.636  0 248 LYS A C    1 ? 
ATOM   72  O O    . LYS A 1 6 ? 4.828  0.530  8.304  1.000 11.256 0 248 LYS A O    1 ? 
ATOM   73  C CB   . LYS A 1 6 ? 5.546  2.912  6.127  1.000 10.151 0 248 LYS A CB   1 ? 
ATOM   74  C CG   . LYS A 1 6 ? 5.290  3.506  4.760  1.000 10.332 0 248 LYS A CG   1 ? 
ATOM   75  C CD   . LYS A 1 6 ? 5.294  4.995  4.831  1.000 10.550 0 248 LYS A CD   1 ? 
ATOM   76  C CE   . LYS A 1 6 ? 4.949  5.652  3.516  1.000 12.131 0 248 LYS A CE   1 ? 
ATOM   77  N NZ   . LYS A 1 6 ? 5.382  7.070  3.537  1.000 12.012 0 248 LYS A NZ   1 ? 
ATOM   78  O OXT  . LYS A 1 6 ? 6.918  1.148  8.139  1.000 10.348 0 248 LYS A OXT  1 ? 
ATOM   79  H H    . LYS A 1 6 ? 3.729  0.763  6.119  1.000 7.673  0 248 LYS A H    1 c 
ATOM   80  H HA   . LYS A 1 6 ? 6.452  1.102  5.684  1.000 8.954  0 248 LYS A HA   1 c 
ATOM   81  H HB2  . LYS A 1 6 ? 4.822  3.190  6.725  1.000 10.024 0 248 LYS A HB2  1 c 
ATOM   82  H HB3  . LYS A 1 6 ? 6.381  3.289  6.476  1.000 9.918  0 248 LYS A HB3  1 c 
ATOM   83  H HG2  . LYS A 1 6 ? 5.986  3.204  4.138  1.000 10.457 0 248 LYS A HG2  1 c 
ATOM   84  H HG3  . LYS A 1 6 ? 4.422  3.196  4.428  1.000 10.259 0 248 LYS A HG3  1 c 
ATOM   85  H HD2  . LYS A 1 6 ? 4.647  5.284  5.509  1.000 10.497 0 248 LYS A HD2  1 c 
ATOM   86  H HD3  . LYS A 1 6 ? 6.183  5.298  5.113  1.000 10.848 0 248 LYS A HD3  1 c 
ATOM   87  H HE2  . LYS A 1 6 ? 5.396  5.188  2.784  1.000 12.011 0 248 LYS A HE2  1 c 
ATOM   88  H HE3  . LYS A 1 6 ? 3.985  5.611  3.366  1.000 11.863 0 248 LYS A HE3  1 c 
ATOM   89  H HZ1  . LYS A 1 6 ? 5.523  7.341  4.391  1.000 12.108 0 248 LYS A HZ1  1 c 
ATOM   90  H HZ2  . LYS A 1 6 ? 4.739  7.591  3.165  1.000 12.112 0 248 LYS A HZ2  1 c 
ATOM   91  H HZ3  . LYS A 1 6 ? 6.148  7.163  3.062  1.000 11.770 0 248 LYS A HZ3  1 c 
HETATM 92  O O    . HOH B 2 . ? -2.033 -3.127 -3.811 1.000 9.199  0 301 HOH A O    1 ? 
HETATM 93  O O    . HOH B 2 . ? 6.252  -2.519 5.162  1.000 9.175  0 302 HOH A O    1 ? 
HETATM 94  O O    . HOH B 2 . ? 4.011  8.125  1.318  1.000 43.343 0 303 HOH A O    1 ? 
HETATM 95  O O    . HOH B 2 . ? -7.166 -5.620 -5.811 1.000 17.263 0 304 HOH A O    1 ? 
HETATM 96  O O    . HOH B 2 . ? -3.613 -4.887 -5.318 1.000 9.274  0 305 HOH A O    1 ? 
HETATM 97  O O    . HOH B 2 . ? -5.393 -2.012 -9.251 1.000 28.540 0 306 HOH A O    1 ? 
HETATM 98  O O    . HOH B 2 . ? -8.413 -3.109 -8.285 1.000 53.032 0 307 HOH A O    1 ? 
HETATM 99  O O    . HOH B 2 . ? -7.143 1.253  -5.973 1.000 33.234 0 308 HOH A O    1 ? 
HETATM 100 O O    . HOH B 2 . ? 4.217  10.377 3.989  1.000 30.115 0 309 HOH A O    1 ? 
HETATM 101 O O    . HOH B 2 . ? 1.660  7.271  2.337  1.000 39.401 0 310 HOH A O    1 ? 
HETATM 102 O O    . HOH B 2 . ? -6.844 0.042  -8.344 1.000 30.504 0 311 HOH A O    1 ? 
# 
loop_
_atom_site_anisotrop.id 
_atom_site_anisotrop.type_symbol 
_atom_site_anisotrop.pdbx_label_atom_id 
_atom_site_anisotrop.pdbx_label_alt_id 
_atom_site_anisotrop.pdbx_label_comp_id 
_atom_site_anisotrop.pdbx_label_asym_id 
_atom_site_anisotrop.pdbx_label_seq_id 
_atom_site_anisotrop.pdbx_PDB_ins_code 
_atom_site_anisotrop.U[1][1] 
_atom_site_anisotrop.U[2][2] 
_atom_site_anisotrop.U[3][3] 
_atom_site_anisotrop.U[1][2] 
_atom_site_anisotrop.U[1][3] 
_atom_site_anisotrop.U[2][3] 
_atom_site_anisotrop.pdbx_auth_seq_id 
_atom_site_anisotrop.pdbx_auth_comp_id 
_atom_site_anisotrop.pdbx_auth_asym_id 
_atom_site_anisotrop.pdbx_auth_atom_id 
1   N N    . GLY A 1 ? 0.1486 0.1341 0.1462 -0.0379 -0.0043 -0.0206 243 GLY A N    
2   C CA   . GLY A 1 ? 0.0916 0.1272 0.1222 -0.0217 -0.0085 -0.0065 243 GLY A CA   
3   C C    . GLY A 1 ? 0.1074 0.0936 0.0960 -0.0217 -0.0058 -0.0035 243 GLY A C    
4   O O    . GLY A 1 ? 0.0985 0.1138 0.1217 -0.0222 -0.0022 -0.0253 243 GLY A O    
5   H H1   . GLY A 1 ? 0.1406 0.1406 0.1418 -0.0396 -0.0044 -0.0189 243 GLY A H1   
6   H H2   . GLY A 1 ? 0.1335 0.1357 0.1458 -0.0326 -0.0065 -0.0197 243 GLY A H2   
7   H H3   . GLY A 1 ? 0.1394 0.1368 0.1409 -0.0307 -0.0060 -0.0171 243 GLY A H3   
8   H HA2  . GLY A 1 ? 0.1016 0.1145 0.1179 -0.0203 -0.0079 -0.0075 243 GLY A HA2  
9   H HA3  . GLY A 1 ? 0.1047 0.1178 0.1205 -0.0236 -0.0071 -0.0092 243 GLY A HA3  
10  N N    . GLN A 2 ? 0.0961 0.0869 0.0920 -0.0150 0.0052  -0.0011 244 GLN A N    
11  C CA   . GLN A 2 ? 0.1012 0.0832 0.0826 -0.0155 -0.0001 -0.0033 244 GLN A CA   
12  C C    . GLN A 2 ? 0.0821 0.0762 0.0838 -0.0235 0.0064  0.0072  244 GLN A C    
13  O O    . GLN A 2 ? 0.0723 0.1212 0.0844 0.0113  -0.0019 -0.0002 244 GLN A O    
14  C CB   . GLN A 2 ? 0.0919 0.0842 0.0949 -0.0100 -0.0005 -0.0003 244 GLN A CB   
15  C CG   . GLN A 2 ? 0.1055 0.0793 0.1012 -0.0077 -0.0085 0.0067  244 GLN A CG   
16  C CD   . GLN A 2 ? 0.0935 0.0931 0.0974 0.0054  -0.0086 0.0097  244 GLN A CD   
17  O OE1  . GLN A 2 ? 0.1205 0.1362 0.1213 0.0232  0.0104  0.0030  244 GLN A OE1  
18  N NE2  . GLN A 2 ? 0.1035 0.0848 0.0917 0.0225  0.0046  0.0011  244 GLN A NE2  
19  H H    . GLN A 2 ? 0.0956 0.0876 0.0889 -0.0159 0.0035  -0.0024 244 GLN A H    
20  H HA   . GLN A 2 ? 0.0960 0.0840 0.0891 -0.0172 0.0009  0.0007  244 GLN A HA   
21  H HB2  . GLN A 2 ? 0.0944 0.0833 0.0923 -0.0093 -0.0004 0.0002  244 GLN A HB2  
22  H HB3  . GLN A 2 ? 0.0955 0.0818 0.0937 -0.0110 -0.0018 0.0002  244 GLN A HB3  
23  H HG2  . GLN A 2 ? 0.1052 0.0839 0.1000 -0.0051 -0.0096 0.0050  244 GLN A HG2  
24  H HG3  . GLN A 2 ? 0.0992 0.0829 0.0989 -0.0069 -0.0072 0.0052  244 GLN A HG3  
25  H HE21 . GLN A 2 ? 0.0989 0.0853 0.0928 0.0184  0.0012  0.0041  244 GLN A HE21 
26  H HE22 . GLN A 2 ? 0.0960 0.0855 0.0915 0.0187  0.0035  0.0020  244 GLN A HE22 
27  N N    . THR A 3 ? 0.0787 0.0979 0.0864 -0.0200 0.0079  0.0064  245 THR A N    
28  C CA   . THR A 3 ? 0.0834 0.0972 0.0895 -0.0076 -0.0033 -0.0002 245 THR A CA   
29  C C    . THR A 3 ? 0.0800 0.1086 0.0914 -0.0047 -0.0054 -0.0103 245 THR A C    
30  O O    . THR A 3 ? 0.0813 0.0861 0.0835 -0.0088 -0.0053 -0.0030 245 THR A O    
31  C CB   . THR A 3 ? 0.0945 0.0933 0.0962 -0.0057 -0.0132 -0.0094 245 THR A CB   
32  O OG1  . THR A 3 ? 0.1014 0.0857 0.1079 -0.0207 0.0011  0.0044  245 THR A OG1  
33  C CG2  . THR A 3 ? 0.1166 0.0989 0.1125 -0.0280 -0.0294 0.0166  245 THR A CG2  
34  H H    . THR A 3 ? 0.0786 0.0921 0.0853 -0.0174 0.0071  0.0046  245 THR A H    
35  H HA   . THR A 3 ? 0.0832 0.0983 0.0905 -0.0086 -0.0030 -0.0019 245 THR A HA   
36  H HB   . THR A 3 ? 0.0930 0.0926 0.0974 -0.0098 -0.0078 -0.0025 245 THR A HB   
37  H HG21 . THR A 3 ? 0.1151 0.0980 0.1089 -0.0214 -0.0227 0.0087  245 THR A HG21 
38  H HG22 . THR A 3 ? 0.1094 0.0945 0.1081 -0.0235 -0.0230 0.0100  245 THR A HG22 
39  H HG23 . THR A 3 ? 0.1112 0.1060 0.1138 -0.0255 -0.0264 0.0154  245 THR A HG23 
40  N N    . VAL A 4 ? 0.0856 0.0977 0.0907 0.0065  -0.0006 -0.0093 246 VAL A N    
41  C CA   . VAL A 4 ? 0.0895 0.0915 0.0900 0.0102  -0.0029 -0.0087 246 VAL A CA   
42  C C    . VAL A 4 ? 0.0813 0.0874 0.0943 -0.0052 -0.0097 -0.0048 246 VAL A C    
43  O O    . VAL A 4 ? 0.0919 0.0858 0.0913 -0.0046 -0.0010 -0.0055 246 VAL A O    
44  C CB   . VAL A 4 ? 0.1326 0.0938 0.1276 -0.0206 -0.0169 -0.0038 246 VAL A CB   
45  C CG1  . VAL A 4 ? 0.1535 0.1260 0.1434 -0.0132 -0.0505 0.0012  246 VAL A CG1  
46  C CG2  . VAL A 4 ? 0.1477 0.0844 0.1329 -0.0119 -0.0110 -0.0015 246 VAL A CG2  
47  H H    . VAL A 4 ? 0.0840 0.0983 0.0897 0.0045  -0.0020 -0.0093 246 VAL A H    
48  H HA   . VAL A 4 ? 0.0858 0.0903 0.0928 0.0053  -0.0011 -0.0100 246 VAL A HA   
49  H HB   . VAL A 4 ? 0.1330 0.0974 0.1236 -0.0126 -0.0209 -0.0017 246 VAL A HB   
50  H HG11 . VAL A 4 ? 0.1462 0.1173 0.1465 -0.0160 -0.0395 -0.0010 246 VAL A HG11 
51  H HG12 . VAL A 4 ? 0.1482 0.1253 0.1406 -0.0138 -0.0396 -0.0053 246 VAL A HG12 
52  H HG13 . VAL A 4 ? 0.1505 0.1215 0.1380 -0.0202 -0.0390 -0.0002 246 VAL A HG13 
53  H HG21 . VAL A 4 ? 0.1435 0.0863 0.1313 -0.0140 -0.0121 -0.0022 246 VAL A HG21 
54  H HG22 . VAL A 4 ? 0.1436 0.0859 0.1315 -0.0146 -0.0128 -0.0023 246 VAL A HG22 
55  H HG23 . VAL A 4 ? 0.1477 0.0871 0.1312 -0.0130 -0.0101 -0.0022 246 VAL A HG23 
56  N N    . THR A 5 ? 0.0935 0.0874 0.0991 0.0015  -0.0056 0.0121  247 THR A N    
57  C CA   . THR A 5 ? 0.0839 0.0914 0.0907 -0.0088 0.0062  0.0075  247 THR A CA   
58  C C    . THR A 5 ? 0.0988 0.1056 0.0926 -0.0162 -0.0079 -0.0085 247 THR A C    
59  O O    . THR A 5 ? 0.1003 0.1181 0.0976 -0.0014 -0.0064 -0.0143 247 THR A O    
60  C CB   . THR A 5 ? 0.1050 0.0915 0.0846 -0.0130 0.0095  0.0114  247 THR A CB   
61  O OG1  . THR A 5 ? 0.1065 0.0818 0.1016 -0.0057 -0.0033 0.0030  247 THR A OG1  
62  C CG2  . THR A 5 ? 0.1175 0.0806 0.1089 -0.0226 0.0083  -0.0031 247 THR A CG2  
63  H H    . THR A 5 ? 0.0912 0.0896 0.0982 -0.0040 -0.0067 0.0071  247 THR A H    
64  H HA   . THR A 5 ? 0.0886 0.0917 0.0897 -0.0073 0.0051  0.0034  247 THR A HA   
65  H HB   . THR A 5 ? 0.1029 0.0875 0.0836 -0.0126 0.0061  0.0083  247 THR A HB   
66  H HG21 . THR A 5 ? 0.1146 0.0844 0.1030 -0.0208 0.0082  0.0029  247 THR A HG21 
67  H HG22 . THR A 5 ? 0.1140 0.0829 0.1021 -0.0193 0.0086  0.0022  247 THR A HG22 
68  H HG23 . THR A 5 ? 0.1135 0.0837 0.1088 -0.0191 0.0078  0.0020  247 THR A HG23 
69  N N    . LYS A 6 ? 0.0895 0.1021 0.1004 -0.0224 0.0053  -0.0208 248 LYS A N    
70  C CA   . LYS A 6 ? 0.1069 0.1191 0.1151 -0.0223 -0.0178 -0.0238 248 LYS A CA   
71  C C    . LYS A 6 ? 0.1160 0.1220 0.1280 -0.0230 -0.0270 -0.0036 248 LYS A C    
72  O O    . LYS A 6 ? 0.1253 0.1661 0.1366 -0.0289 -0.0167 0.0068  248 LYS A O    
73  C CB   . LYS A 6 ? 0.1352 0.1178 0.1330 -0.0333 -0.0205 -0.0152 248 LYS A CB   
74  C CG   . LYS A 6 ? 0.1628 0.0963 0.1328 -0.0272 -0.0254 -0.0252 248 LYS A CG   
75  C CD   . LYS A 6 ? 0.1597 0.0927 0.1476 -0.0275 0.0004  -0.0017 248 LYS A CD   
76  C CE   . LYS A 6 ? 0.1854 0.1079 0.1677 -0.0100 -0.0460 -0.0105 248 LYS A CE   
77  N NZ   . LYS A 6 ? 0.1695 0.1175 0.1700 -0.0175 -0.0135 0.0030  248 LYS A NZ   
78  O OXT  . LYS A 6 ? 0.1115 0.1486 0.1330 -0.0206 -0.0250 -0.0033 248 LYS A OXT  
79  H H    . LYS A 6 ? 0.0881 0.1056 0.0973 -0.0205 0.0032  -0.0165 248 LYS A H    
80  H HA   . LYS A 6 ? 0.1091 0.1155 0.1154 -0.0235 -0.0138 -0.0181 248 LYS A HA   
81  H HB2  . LYS A 6 ? 0.1365 0.1133 0.1302 -0.0305 -0.0230 -0.0188 248 LYS A HB2  
82  H HB3  . LYS A 6 ? 0.1348 0.1133 0.1289 -0.0292 -0.0209 -0.0192 248 LYS A HB3  
83  H HG2  . LYS A 6 ? 0.1583 0.1011 0.1375 -0.0300 -0.0197 -0.0165 248 LYS A HG2  
84  H HG3  . LYS A 6 ? 0.1536 0.1004 0.1350 -0.0286 -0.0166 -0.0168 248 LYS A HG3  
85  H HD2  . LYS A 6 ? 0.1601 0.0957 0.1422 -0.0208 -0.0097 -0.0120 248 LYS A HD2  
86  H HD3  . LYS A 6 ? 0.1667 0.0975 0.1488 -0.0233 -0.0138 -0.0091 248 LYS A HD3  
87  H HE2  . LYS A 6 ? 0.1772 0.1089 0.1689 -0.0194 -0.0308 -0.0007 248 LYS A HE2  
88  H HE3  . LYS A 6 ? 0.1797 0.1073 0.1640 -0.0168 -0.0264 -0.0041 248 LYS A HE3  
89  H HZ1  . LYS A 6 ? 0.1722 0.1142 0.1736 -0.0164 -0.0201 0.0002  248 LYS A HZ1  
90  H HZ2  . LYS A 6 ? 0.1741 0.1153 0.1706 -0.0174 -0.0202 -0.0012 248 LYS A HZ2  
91  H HZ3  . LYS A 6 ? 0.1662 0.1139 0.1679 -0.0169 -0.0173 -0.0007 248 LYS A HZ3  
92  O O    . HOH B . ? 0.1275 0.1145 0.1070 -0.0194 -0.0110 0.0010  301 HOH A O    
93  O O    . HOH B . ? 0.1240 0.0808 0.1442 0.0011  -0.0183 -0.0060 302 HOH A O    
94  O O    . HOH B . ? 0.7758 0.4330 0.4372 -0.1664 -0.2297 0.1094  303 HOH A O    
95  O O    . HOH B . ? 0.2310 0.1641 0.2599 -0.0759 -0.0739 -0.0010 304 HOH A O    
96  O O    . HOH B . ? 0.1361 0.1052 0.1117 -0.0264 -0.0008 0.0082  305 HOH A O    
97  O O    . HOH B . ? 0.2571 0.5496 0.2783 0.0382  -0.0196 0.0232  306 HOH A O    
98  O O    . HOH B . ? 0.3028 0.4319 1.2803 -0.0044 -0.0627 0.1967  307 HOH A O    
99  O O    . HOH B . ? 0.4997 0.4880 0.2754 0.1811  0.0545  -0.0280 308 HOH A O    
100 O O    . HOH B . ? 0.3872 0.3233 0.4335 0.1064  0.1315  0.1171  309 HOH A O    
101 O O    . HOH B . ? 0.3728 0.4650 0.6582 0.1633  0.2411  0.2725  310 HOH A O    
102 O O    . HOH B . ? 0.4609 0.3857 0.3123 0.0202  0.0485  0.0142  311 HOH A O    
# 
